data_4LV4
#
_entry.id   4LV4
#
_cell.length_a   60.559
_cell.length_b   118.933
_cell.length_c   165.184
_cell.angle_alpha   90.00
_cell.angle_beta   90.00
_cell.angle_gamma   90.00
#
_symmetry.space_group_name_H-M   'I 2 2 2'
#
loop_
_entity.id
_entity.type
_entity.pdbx_description
1 polymer 'Fructose-bisphosphate aldolase'
2 non-polymer 'ZINC ION'
3 non-polymer '8-hydroxyquinoline-2-carboxylic acid'
4 non-polymer 'ACETATE ION'
5 non-polymer 'PENTAETHYLENE GLYCOL'
6 water water
#
_entity_poly.entity_id   1
_entity_poly.type   'polypeptide(L)'
_entity_poly.pdbx_seq_one_letter_code
;MPIATPEVYAEMLGQAKQNSYAFPAINCTSSETVNAAIKGFADAGSDGIIQFSTGGAEFGSGLGVKDMVTGAVALAEFTH
VIAAKYPVNVALHTDHCPKDKLDSYVRPLLAISAQRVSKGGNPLFQSHMWDGSAVPIDENLAIAQELLKAAAAAKIILEI
EIGVVGGEEDGVANEINEKLYTSPEDFEKTIEALGAGEHGKYLLAATFGNVHGVYKPGNVKLRPDILAQGQQVAAAKLGL
PADAKPFDFVFHGGSGSLKSEIEEALRYGVVKMNVDTDTQYAFTRPIAGHMFTNYDGVLKVDGEVGVKKVYDPRSYLKKA
EASMSQRVVQACNDLHCAGKSLTHHHHHH
;
_entity_poly.pdbx_strand_id   A
#
# COMPACT_ATOMS: atom_id res chain seq x y z
N PRO A 2 -1.06 -1.10 -16.74
CA PRO A 2 -1.47 0.29 -16.57
C PRO A 2 -1.73 0.66 -15.12
N ILE A 3 -1.85 1.94 -14.83
CA ILE A 3 -2.36 2.38 -13.55
C ILE A 3 -3.82 1.93 -13.43
N ALA A 4 -4.21 1.48 -12.25
CA ALA A 4 -5.58 1.08 -12.00
C ALA A 4 -6.48 2.29 -12.10
N THR A 5 -7.48 2.23 -12.98
CA THR A 5 -8.54 3.24 -12.95
C THR A 5 -9.34 2.97 -11.68
N PRO A 6 -10.10 3.97 -11.23
CA PRO A 6 -10.91 3.76 -10.02
C PRO A 6 -11.83 2.56 -10.18
N GLU A 7 -12.32 2.35 -11.40
CA GLU A 7 -13.25 1.25 -11.66
C GLU A 7 -12.56 -0.09 -11.55
N VAL A 8 -11.40 -0.24 -12.18
CA VAL A 8 -10.70 -1.52 -12.01
C VAL A 8 -10.14 -1.72 -10.60
N TYR A 9 -9.81 -0.64 -9.89
CA TYR A 9 -9.35 -0.77 -8.51
C TYR A 9 -10.47 -1.35 -7.63
N ALA A 10 -11.67 -0.81 -7.79
CA ALA A 10 -12.81 -1.32 -7.04
C ALA A 10 -13.05 -2.75 -7.43
N GLU A 11 -12.91 -3.06 -8.71
CA GLU A 11 -13.11 -4.44 -9.17
C GLU A 11 -12.05 -5.36 -8.57
N MET A 12 -10.80 -4.89 -8.53
CA MET A 12 -9.71 -5.66 -7.90
C MET A 12 -10.04 -6.04 -6.48
N LEU A 13 -10.43 -5.05 -5.69
CA LEU A 13 -10.73 -5.29 -4.29
C LEU A 13 -11.97 -6.18 -4.11
N GLY A 14 -12.99 -5.97 -4.95
CA GLY A 14 -14.20 -6.78 -4.88
C GLY A 14 -13.91 -8.24 -5.19
N GLN A 15 -13.13 -8.46 -6.24
CA GLN A 15 -12.72 -9.79 -6.65
C GLN A 15 -11.88 -10.50 -5.58
N ALA A 16 -10.96 -9.74 -4.98
CA ALA A 16 -10.11 -10.29 -3.93
C ALA A 16 -10.97 -10.73 -2.75
N LYS A 17 -11.87 -9.85 -2.34
CA LYS A 17 -12.75 -10.11 -1.22
C LYS A 17 -13.63 -11.34 -1.50
N GLN A 18 -14.20 -11.37 -2.70
CA GLN A 18 -15.09 -12.43 -3.15
C GLN A 18 -14.40 -13.78 -3.18
N ASN A 19 -13.10 -13.78 -3.50
CA ASN A 19 -12.36 -15.01 -3.64
C ASN A 19 -11.34 -15.27 -2.53
N SER A 20 -11.44 -14.50 -1.45
CA SER A 20 -10.56 -14.66 -0.31
C SER A 20 -9.07 -14.58 -0.67
N TYR A 21 -8.69 -13.60 -1.49
CA TYR A 21 -7.27 -13.27 -1.63
C TYR A 21 -7.02 -11.79 -1.37
N ALA A 22 -5.76 -11.37 -1.43
CA ALA A 22 -5.41 -10.00 -1.08
C ALA A 22 -4.25 -9.53 -1.95
N PHE A 23 -4.05 -8.22 -2.01
CA PHE A 23 -2.94 -7.64 -2.76
C PHE A 23 -1.89 -7.14 -1.78
N PRO A 24 -0.62 -7.32 -2.12
CA PRO A 24 0.38 -6.66 -1.28
C PRO A 24 0.36 -5.18 -1.64
N ALA A 25 0.60 -4.32 -0.66
CA ALA A 25 0.67 -2.88 -0.89
C ALA A 25 2.10 -2.51 -0.47
N ILE A 26 2.94 -2.25 -1.48
CA ILE A 26 4.38 -2.16 -1.24
C ILE A 26 4.78 -0.71 -1.02
N ASN A 27 5.35 -0.41 0.14
CA ASN A 27 5.95 0.91 0.34
C ASN A 27 7.08 1.12 -0.64
N CYS A 28 7.03 2.24 -1.35
CA CYS A 28 8.10 2.61 -2.28
C CYS A 28 8.52 4.05 -1.99
N THR A 29 9.72 4.38 -2.40
CA THR A 29 10.34 5.64 -2.00
C THR A 29 11.12 6.25 -3.15
N SER A 30 11.09 5.60 -4.30
CA SER A 30 11.98 6.00 -5.38
C SER A 30 11.57 5.39 -6.70
N SER A 31 12.17 5.89 -7.79
CA SER A 31 12.05 5.26 -9.10
C SER A 31 12.45 3.77 -9.05
N GLU A 32 13.59 3.45 -8.43
CA GLU A 32 14.03 2.06 -8.35
C GLU A 32 13.06 1.13 -7.61
N THR A 33 12.51 1.61 -6.49
CA THR A 33 11.62 0.78 -5.68
C THR A 33 10.25 0.63 -6.33
N VAL A 34 9.75 1.72 -6.92
CA VAL A 34 8.57 1.61 -7.78
C VAL A 34 8.80 0.60 -8.91
N ASN A 35 9.95 0.69 -9.58
CA ASN A 35 10.22 -0.28 -10.66
C ASN A 35 10.27 -1.73 -10.16
N ALA A 36 10.90 -1.95 -9.01
CA ALA A 36 10.97 -3.30 -8.45
C ALA A 36 9.58 -3.83 -8.12
N ALA A 37 8.75 -2.97 -7.53
CA ALA A 37 7.42 -3.40 -7.12
C ALA A 37 6.57 -3.81 -8.33
N ILE A 38 6.52 -2.96 -9.35
CA ILE A 38 5.70 -3.25 -10.53
C ILE A 38 6.19 -4.50 -11.27
N LYS A 39 7.49 -4.61 -11.45
CA LYS A 39 8.08 -5.78 -12.06
C LYS A 39 7.71 -7.04 -11.25
N GLY A 40 7.66 -6.92 -9.93
CA GLY A 40 7.27 -8.04 -9.08
C GLY A 40 5.82 -8.44 -9.32
N PHE A 41 4.91 -7.47 -9.35
CA PHE A 41 3.51 -7.76 -9.67
C PHE A 41 3.44 -8.48 -11.02
N ALA A 42 4.12 -7.93 -12.01
CA ALA A 42 4.06 -8.47 -13.37
C ALA A 42 4.64 -9.88 -13.45
N ASP A 43 5.75 -10.12 -12.77
CA ASP A 43 6.34 -11.45 -12.77
C ASP A 43 5.40 -12.47 -12.13
N ALA A 44 4.57 -12.02 -11.20
CA ALA A 44 3.60 -12.89 -10.55
C ALA A 44 2.24 -12.90 -11.27
N GLY A 45 2.16 -12.23 -12.42
CA GLY A 45 0.90 -12.12 -13.15
C GLY A 45 -0.19 -11.52 -12.28
N SER A 46 0.17 -10.52 -11.50
CA SER A 46 -0.72 -10.01 -10.45
C SER A 46 -0.93 -8.52 -10.56
N ASP A 47 -2.10 -8.06 -10.12
CA ASP A 47 -2.28 -6.64 -9.90
C ASP A 47 -1.63 -6.34 -8.56
N GLY A 48 -1.48 -5.07 -8.23
CA GLY A 48 -0.82 -4.76 -6.98
C GLY A 48 -1.01 -3.31 -6.60
N ILE A 49 -0.56 -2.99 -5.39
CA ILE A 49 -0.67 -1.63 -4.89
C ILE A 49 0.69 -1.06 -4.51
N ILE A 50 0.94 0.17 -4.94
N ILE A 50 0.92 0.17 -4.95
CA ILE A 50 2.13 0.87 -4.51
CA ILE A 50 2.09 0.94 -4.56
C ILE A 50 1.70 1.99 -3.57
C ILE A 50 1.63 1.97 -3.53
N GLN A 51 2.35 2.07 -2.42
CA GLN A 51 2.00 3.11 -1.45
C GLN A 51 3.21 3.91 -1.00
N PHE A 52 2.95 5.21 -0.77
CA PHE A 52 3.94 6.13 -0.23
C PHE A 52 3.55 6.56 1.19
N SER A 53 4.42 6.28 2.16
CA SER A 53 4.29 6.79 3.52
C SER A 53 4.59 8.29 3.52
N THR A 54 4.25 8.98 4.61
CA THR A 54 4.63 10.37 4.75
C THR A 54 6.15 10.54 4.65
N GLY A 55 6.90 9.65 5.31
CA GLY A 55 8.36 9.69 5.26
C GLY A 55 8.91 9.36 3.88
N GLY A 56 8.30 8.38 3.22
CA GLY A 56 8.70 8.01 1.87
C GLY A 56 8.47 9.15 0.91
N ALA A 57 7.32 9.83 1.06
CA ALA A 57 7.01 10.98 0.21
C ALA A 57 8.02 12.09 0.45
N GLU A 58 8.30 12.39 1.72
CA GLU A 58 9.26 13.43 2.03
C GLU A 58 10.62 13.09 1.42
N PHE A 59 11.02 11.83 1.57
CA PHE A 59 12.29 11.36 1.00
C PHE A 59 12.24 11.50 -0.52
N GLY A 60 11.12 11.14 -1.11
CA GLY A 60 10.96 11.24 -2.55
C GLY A 60 11.11 12.65 -3.09
N SER A 61 10.79 13.66 -2.27
CA SER A 61 10.86 15.06 -2.72
C SER A 61 12.29 15.57 -2.70
N GLY A 62 13.19 14.81 -2.08
CA GLY A 62 14.58 15.24 -2.00
C GLY A 62 14.87 16.11 -0.79
N LEU A 63 16.12 16.06 -0.33
CA LEU A 63 16.56 16.80 0.84
C LEU A 63 16.38 18.31 0.68
N GLY A 64 16.36 18.78 -0.56
CA GLY A 64 16.25 20.20 -0.82
C GLY A 64 14.82 20.73 -0.76
N VAL A 65 13.86 19.82 -0.62
CA VAL A 65 12.44 20.19 -0.65
C VAL A 65 11.71 19.70 0.60
N LYS A 66 11.82 18.41 0.88
CA LYS A 66 11.19 17.80 2.05
C LYS A 66 9.72 18.17 2.15
N ASP A 67 8.99 17.97 1.07
CA ASP A 67 7.57 18.23 1.02
C ASP A 67 6.85 16.96 0.61
N MET A 68 5.96 16.48 1.48
CA MET A 68 5.23 15.24 1.25
C MET A 68 4.40 15.27 -0.02
N VAL A 69 3.67 16.36 -0.25
CA VAL A 69 2.85 16.45 -1.46
C VAL A 69 3.73 16.38 -2.71
N THR A 70 4.80 17.16 -2.73
CA THR A 70 5.71 17.17 -3.88
C THR A 70 6.26 15.76 -4.14
N GLY A 71 6.73 15.11 -3.09
CA GLY A 71 7.30 13.78 -3.21
C GLY A 71 6.29 12.76 -3.72
N ALA A 72 5.08 12.77 -3.16
CA ALA A 72 4.04 11.86 -3.60
C ALA A 72 3.61 12.12 -5.04
N VAL A 73 3.42 13.40 -5.39
CA VAL A 73 3.06 13.73 -6.76
C VAL A 73 4.15 13.31 -7.74
N ALA A 74 5.39 13.64 -7.41
CA ALA A 74 6.49 13.34 -8.33
C ALA A 74 6.63 11.83 -8.54
N LEU A 75 6.56 11.06 -7.46
CA LEU A 75 6.63 9.60 -7.58
C LEU A 75 5.40 9.05 -8.31
N ALA A 76 4.24 9.64 -8.07
CA ALA A 76 3.02 9.18 -8.74
C ALA A 76 3.12 9.39 -10.24
N GLU A 77 3.64 10.57 -10.65
CA GLU A 77 3.76 10.87 -12.08
C GLU A 77 4.74 9.92 -12.74
N PHE A 78 5.86 9.65 -12.04
CA PHE A 78 6.82 8.66 -12.52
C PHE A 78 6.11 7.31 -12.71
N THR A 79 5.33 6.93 -11.71
CA THR A 79 4.70 5.61 -11.72
C THR A 79 3.66 5.48 -12.83
N HIS A 80 2.94 6.57 -13.11
CA HIS A 80 1.96 6.55 -14.22
C HIS A 80 2.65 6.19 -15.53
N VAL A 81 3.81 6.80 -15.80
CA VAL A 81 4.53 6.49 -17.02
C VAL A 81 4.98 5.03 -17.07
N ILE A 82 5.58 4.54 -15.99
CA ILE A 82 6.09 3.17 -15.97
C ILE A 82 4.97 2.15 -16.10
N ALA A 83 3.91 2.31 -15.29
CA ALA A 83 2.85 1.32 -15.21
C ALA A 83 2.12 1.13 -16.54
N ALA A 84 2.07 2.16 -17.38
CA ALA A 84 1.43 2.03 -18.69
C ALA A 84 2.12 0.98 -19.55
N LYS A 85 3.37 0.62 -19.22
CA LYS A 85 4.11 -0.33 -20.04
C LYS A 85 3.96 -1.78 -19.55
N TYR A 86 3.19 -1.98 -18.48
CA TYR A 86 2.99 -3.33 -17.97
C TYR A 86 1.54 -3.80 -18.14
N PRO A 87 1.35 -5.10 -18.39
CA PRO A 87 0.01 -5.70 -18.53
C PRO A 87 -0.57 -6.18 -17.19
N VAL A 88 -0.36 -5.40 -16.14
CA VAL A 88 -1.04 -5.64 -14.87
C VAL A 88 -1.50 -4.29 -14.39
N ASN A 89 -2.43 -4.28 -13.43
CA ASN A 89 -2.97 -3.04 -12.94
C ASN A 89 -2.28 -2.66 -11.64
N VAL A 90 -1.83 -1.41 -11.57
CA VAL A 90 -1.12 -0.90 -10.39
C VAL A 90 -1.89 0.25 -9.76
N ALA A 91 -2.32 0.09 -8.52
CA ALA A 91 -3.00 1.15 -7.79
C ALA A 91 -2.00 1.95 -6.97
N LEU A 92 -2.23 3.25 -6.86
CA LEU A 92 -1.39 4.12 -6.04
C LEU A 92 -2.12 4.52 -4.78
N HIS A 93 -1.39 4.51 -3.66
CA HIS A 93 -1.98 4.68 -2.33
C HIS A 93 -1.03 5.52 -1.47
N THR A 94 -1.59 6.26 -0.51
CA THR A 94 -0.78 6.89 0.54
C THR A 94 -1.05 6.25 1.90
N ASP A 95 0.01 6.02 2.65
CA ASP A 95 -0.07 5.28 3.89
C ASP A 95 -0.31 6.26 5.04
N HIS A 96 -0.43 5.73 6.26
CA HIS A 96 -0.65 6.50 7.51
C HIS A 96 -0.53 8.01 7.45
N CYS A 97 -1.66 8.70 7.49
CA CYS A 97 -1.63 10.14 7.64
C CYS A 97 -2.46 10.54 8.86
N PRO A 98 -1.77 10.98 9.92
CA PRO A 98 -2.47 11.38 11.15
C PRO A 98 -3.09 12.77 11.00
N LYS A 99 -3.87 13.18 12.00
CA LYS A 99 -4.64 14.41 11.93
C LYS A 99 -3.81 15.63 11.60
N ASP A 100 -2.64 15.73 12.23
CA ASP A 100 -1.80 16.91 12.10
C ASP A 100 -1.14 17.00 10.72
N LYS A 101 -1.28 15.96 9.90
CA LYS A 101 -0.69 15.98 8.56
C LYS A 101 -1.71 15.94 7.42
N LEU A 102 -3.00 15.90 7.77
CA LEU A 102 -4.05 15.90 6.75
C LEU A 102 -3.94 17.13 5.86
N ASP A 103 -3.67 18.28 6.45
CA ASP A 103 -3.65 19.52 5.68
C ASP A 103 -2.43 19.63 4.77
N SER A 104 -1.40 18.83 5.04
CA SER A 104 -0.17 18.94 4.25
C SER A 104 0.15 17.66 3.50
N TYR A 105 -0.82 16.75 3.44
CA TYR A 105 -0.63 15.50 2.71
C TYR A 105 -1.94 15.07 2.02
N VAL A 106 -2.81 14.40 2.75
CA VAL A 106 -4.02 13.82 2.15
C VAL A 106 -4.97 14.85 1.53
N ARG A 107 -5.18 15.98 2.22
CA ARG A 107 -6.13 16.96 1.70
C ARG A 107 -5.67 17.62 0.42
N PRO A 108 -4.41 18.10 0.37
CA PRO A 108 -3.98 18.67 -0.91
C PRO A 108 -3.95 17.63 -2.03
N LEU A 109 -3.66 16.37 -1.71
CA LEU A 109 -3.64 15.32 -2.73
C LEU A 109 -5.07 15.05 -3.24
N LEU A 110 -6.01 15.00 -2.32
CA LEU A 110 -7.43 14.89 -2.69
C LEU A 110 -7.83 16.02 -3.64
N ALA A 111 -7.40 17.24 -3.31
CA ALA A 111 -7.77 18.41 -4.12
C ALA A 111 -7.21 18.29 -5.53
N ILE A 112 -5.97 17.81 -5.63
CA ILE A 112 -5.39 17.57 -6.94
C ILE A 112 -6.22 16.59 -7.76
N SER A 113 -6.63 15.49 -7.14
CA SER A 113 -7.45 14.50 -7.83
C SER A 113 -8.85 15.04 -8.18
N ALA A 114 -9.46 15.78 -7.27
CA ALA A 114 -10.78 16.37 -7.56
C ALA A 114 -10.66 17.31 -8.77
N GLN A 115 -9.56 18.05 -8.85
CA GLN A 115 -9.36 18.93 -10.00
C GLN A 115 -9.30 18.11 -11.29
N ARG A 116 -8.51 17.03 -11.27
CA ARG A 116 -8.41 16.13 -12.43
C ARG A 116 -9.76 15.54 -12.82
N VAL A 117 -10.50 15.05 -11.82
CA VAL A 117 -11.81 14.48 -12.09
C VAL A 117 -12.77 15.53 -12.67
N SER A 118 -12.67 16.77 -12.20
CA SER A 118 -13.56 17.83 -12.67
C SER A 118 -13.33 18.11 -14.15
N LYS A 119 -12.13 17.81 -14.64
CA LYS A 119 -11.80 17.98 -16.06
C LYS A 119 -12.04 16.69 -16.83
N GLY A 120 -12.73 15.75 -16.22
CA GLY A 120 -13.03 14.48 -16.87
C GLY A 120 -11.91 13.46 -16.82
N GLY A 121 -10.90 13.70 -15.97
CA GLY A 121 -9.82 12.76 -15.80
C GLY A 121 -10.07 11.78 -14.67
N ASN A 122 -9.07 10.95 -14.39
CA ASN A 122 -9.10 10.08 -13.21
C ASN A 122 -8.17 10.63 -12.15
N PRO A 123 -8.37 10.20 -10.90
CA PRO A 123 -7.54 10.74 -9.81
C PRO A 123 -6.10 10.28 -9.94
N LEU A 124 -5.20 11.05 -9.34
CA LEU A 124 -3.78 10.75 -9.36
C LEU A 124 -3.51 9.53 -8.50
N PHE A 125 -4.13 9.49 -7.33
CA PHE A 125 -4.07 8.30 -6.45
C PHE A 125 -5.42 7.61 -6.43
N GLN A 126 -5.43 6.31 -6.18
CA GLN A 126 -6.69 5.57 -6.17
C GLN A 126 -7.20 5.29 -4.75
N SER A 127 -6.33 5.41 -3.76
CA SER A 127 -6.74 5.39 -2.36
C SER A 127 -5.82 6.23 -1.47
N HIS A 128 -6.36 6.70 -0.34
CA HIS A 128 -5.58 7.42 0.67
C HIS A 128 -5.92 6.87 2.04
N MET A 129 -4.93 6.76 2.92
CA MET A 129 -5.20 6.34 4.29
C MET A 129 -5.29 7.52 5.23
N TRP A 130 -6.38 7.55 5.99
CA TRP A 130 -6.56 8.47 7.10
C TRP A 130 -6.35 7.62 8.33
N ASP A 131 -5.34 7.96 9.13
CA ASP A 131 -5.06 7.20 10.34
C ASP A 131 -5.46 8.05 11.54
N GLY A 132 -6.66 7.78 12.05
CA GLY A 132 -7.20 8.55 13.16
C GLY A 132 -7.10 7.81 14.48
N SER A 133 -6.27 6.76 14.50
CA SER A 133 -6.15 5.92 15.68
C SER A 133 -5.72 6.68 16.93
N ALA A 134 -5.10 7.84 16.76
CA ALA A 134 -4.60 8.59 17.93
C ALA A 134 -5.68 9.48 18.53
N VAL A 135 -6.81 9.65 17.84
CA VAL A 135 -7.91 10.45 18.36
C VAL A 135 -9.10 9.57 18.78
N PRO A 136 -10.01 10.13 19.58
CA PRO A 136 -11.19 9.36 20.01
C PRO A 136 -11.99 8.89 18.80
N ILE A 137 -12.61 7.72 18.91
CA ILE A 137 -13.33 7.08 17.80
CA ILE A 137 -13.33 7.08 17.80
C ILE A 137 -14.33 8.02 17.12
N ASP A 138 -15.07 8.79 17.90
CA ASP A 138 -16.08 9.66 17.30
C ASP A 138 -15.43 10.76 16.42
N GLU A 139 -14.36 11.37 16.92
CA GLU A 139 -13.63 12.31 16.10
C GLU A 139 -13.03 11.62 14.87
N ASN A 140 -12.48 10.43 15.09
CA ASN A 140 -11.92 9.62 14.02
C ASN A 140 -12.94 9.44 12.89
N LEU A 141 -14.11 8.93 13.25
CA LEU A 141 -15.19 8.68 12.29
C LEU A 141 -15.83 9.95 11.72
N ALA A 142 -15.83 11.04 12.49
CA ALA A 142 -16.31 12.31 11.95
C ALA A 142 -15.41 12.78 10.82
N ILE A 143 -14.10 12.74 11.05
CA ILE A 143 -13.13 13.09 10.02
C ILE A 143 -13.27 12.12 8.85
N ALA A 144 -13.34 10.84 9.18
CA ALA A 144 -13.49 9.80 8.16
C ALA A 144 -14.70 10.05 7.23
N GLN A 145 -15.81 10.48 7.81
CA GLN A 145 -17.01 10.70 7.02
C GLN A 145 -16.82 11.82 6.00
N GLU A 146 -16.26 12.94 6.44
CA GLU A 146 -16.06 14.05 5.52
C GLU A 146 -14.99 13.70 4.47
N LEU A 147 -13.93 13.02 4.90
CA LEU A 147 -12.92 12.53 3.95
C LEU A 147 -13.51 11.52 2.96
N LEU A 148 -14.36 10.62 3.45
CA LEU A 148 -14.97 9.64 2.56
C LEU A 148 -15.81 10.30 1.46
N LYS A 149 -16.55 11.35 1.83
CA LYS A 149 -17.37 12.05 0.85
C LYS A 149 -16.47 12.71 -0.20
N ALA A 150 -15.42 13.38 0.25
CA ALA A 150 -14.46 14.00 -0.66
C ALA A 150 -13.79 12.96 -1.54
N ALA A 151 -13.35 11.86 -0.94
CA ALA A 151 -12.69 10.79 -1.69
C ALA A 151 -13.61 10.18 -2.74
N ALA A 152 -14.81 9.78 -2.32
CA ALA A 152 -15.77 9.18 -3.23
C ALA A 152 -16.03 10.10 -4.42
N ALA A 153 -16.16 11.39 -4.15
CA ALA A 153 -16.42 12.37 -5.20
C ALA A 153 -15.24 12.53 -6.17
N ALA A 154 -14.04 12.14 -5.74
CA ALA A 154 -12.88 12.20 -6.62
C ALA A 154 -12.52 10.81 -7.14
N LYS A 155 -13.45 9.87 -6.92
CA LYS A 155 -13.27 8.46 -7.32
C LYS A 155 -12.09 7.79 -6.60
N ILE A 156 -11.95 8.10 -5.32
CA ILE A 156 -10.87 7.56 -4.50
C ILE A 156 -11.42 6.78 -3.34
N ILE A 157 -10.80 5.63 -3.07
CA ILE A 157 -11.16 4.79 -1.93
C ILE A 157 -10.41 5.25 -0.69
N LEU A 158 -11.09 5.28 0.45
CA LEU A 158 -10.46 5.73 1.69
C LEU A 158 -10.10 4.54 2.57
N GLU A 159 -8.88 4.54 3.10
CA GLU A 159 -8.51 3.56 4.11
C GLU A 159 -8.52 4.27 5.45
N ILE A 160 -9.01 3.60 6.50
CA ILE A 160 -9.05 4.23 7.81
C ILE A 160 -8.53 3.26 8.85
N GLU A 161 -8.19 3.76 10.02
CA GLU A 161 -7.76 2.86 11.09
C GLU A 161 -8.53 3.17 12.35
N ILE A 162 -9.22 2.15 12.84
CA ILE A 162 -10.16 2.32 13.93
C ILE A 162 -9.67 1.57 15.15
N GLY A 163 -9.86 2.17 16.32
CA GLY A 163 -9.46 1.54 17.57
C GLY A 163 -8.25 2.20 18.17
N VAL A 164 -7.64 1.53 19.14
CA VAL A 164 -6.53 2.09 19.88
C VAL A 164 -5.24 1.28 19.66
N VAL A 165 -4.12 1.98 19.49
CA VAL A 165 -2.83 1.34 19.30
C VAL A 165 -2.15 1.08 20.64
N GLY A 166 -1.84 -0.19 20.91
CA GLY A 166 -1.18 -0.55 22.15
C GLY A 166 -0.07 -1.56 21.95
N GLU A 178 3.68 -3.64 18.39
CA GLU A 178 2.42 -2.93 18.62
C GLU A 178 1.25 -3.60 17.91
N LYS A 179 0.06 -3.45 18.48
CA LYS A 179 -1.16 -4.07 17.94
C LYS A 179 -2.35 -3.14 18.04
N LEU A 180 -3.36 -3.40 17.21
CA LEU A 180 -4.55 -2.56 17.13
C LEU A 180 -5.76 -3.26 17.73
N TYR A 181 -6.24 -2.76 18.87
CA TYR A 181 -7.48 -3.28 19.43
CA TYR A 181 -7.46 -3.24 19.50
C TYR A 181 -8.67 -2.48 18.96
N THR A 182 -9.68 -3.21 18.49
CA THR A 182 -10.91 -2.61 18.01
C THR A 182 -12.10 -3.32 18.66
N SER A 183 -12.91 -2.58 19.40
CA SER A 183 -14.06 -3.14 20.10
C SER A 183 -15.24 -3.38 19.17
N PRO A 184 -16.19 -4.22 19.59
CA PRO A 184 -17.43 -4.40 18.84
C PRO A 184 -18.17 -3.09 18.64
N GLU A 185 -18.15 -2.19 19.62
CA GLU A 185 -18.83 -0.91 19.44
C GLU A 185 -18.11 -0.04 18.39
N ASP A 186 -16.78 -0.14 18.33
CA ASP A 186 -16.02 0.57 17.32
C ASP A 186 -16.41 0.11 15.91
N PHE A 187 -16.54 -1.20 15.73
CA PHE A 187 -17.00 -1.75 14.46
C PHE A 187 -18.40 -1.24 14.13
N GLU A 188 -19.28 -1.23 15.13
CA GLU A 188 -20.65 -0.76 14.93
C GLU A 188 -20.71 0.72 14.57
N LYS A 189 -19.99 1.54 15.31
CA LYS A 189 -19.94 2.97 15.00
C LYS A 189 -19.46 3.18 13.58
N THR A 190 -18.52 2.34 13.14
CA THR A 190 -17.94 2.50 11.80
C THR A 190 -18.97 2.24 10.71
N ILE A 191 -19.67 1.11 10.82
CA ILE A 191 -20.78 0.84 9.90
C ILE A 191 -21.84 1.93 9.95
N GLU A 192 -22.19 2.34 11.17
CA GLU A 192 -23.19 3.39 11.35
C GLU A 192 -22.80 4.70 10.67
N ALA A 193 -21.56 5.13 10.88
CA ALA A 193 -21.11 6.41 10.34
C ALA A 193 -20.86 6.37 8.85
N LEU A 194 -20.37 5.23 8.36
CA LEU A 194 -19.83 5.16 7.00
C LEU A 194 -20.67 4.32 6.06
N GLY A 195 -21.50 3.45 6.62
CA GLY A 195 -22.26 2.52 5.81
C GLY A 195 -21.40 1.33 5.40
N ALA A 196 -21.78 0.67 4.31
CA ALA A 196 -21.13 -0.57 3.93
C ALA A 196 -20.57 -0.48 2.52
N GLY A 197 -20.30 0.73 2.07
CA GLY A 197 -19.75 0.94 0.75
C GLY A 197 -20.66 1.75 -0.15
N GLU A 198 -21.96 1.77 0.16
CA GLU A 198 -22.92 2.48 -0.68
C GLU A 198 -22.71 3.99 -0.68
N HIS A 199 -21.96 4.51 0.29
CA HIS A 199 -21.62 5.92 0.29
C HIS A 199 -20.16 6.14 -0.11
N GLY A 200 -19.59 5.16 -0.79
CA GLY A 200 -18.17 5.21 -1.13
C GLY A 200 -17.44 4.06 -0.46
N LYS A 201 -16.63 3.35 -1.25
CA LYS A 201 -15.86 2.25 -0.70
C LYS A 201 -14.80 2.76 0.28
N TYR A 202 -14.58 2.00 1.34
CA TYR A 202 -13.50 2.28 2.28
C TYR A 202 -12.88 0.98 2.80
N LEU A 203 -11.64 1.08 3.25
CA LEU A 203 -10.90 -0.06 3.78
C LEU A 203 -10.62 0.17 5.25
N LEU A 204 -10.61 -0.90 6.02
CA LEU A 204 -10.46 -0.79 7.48
C LEU A 204 -9.20 -1.50 7.94
N ALA A 205 -8.30 -0.77 8.60
CA ALA A 205 -7.04 -1.38 9.05
C ALA A 205 -7.25 -2.39 10.17
N ALA A 206 -6.33 -3.34 10.24
CA ALA A 206 -6.38 -4.37 11.26
C ALA A 206 -4.98 -4.97 11.40
N THR A 207 -4.74 -5.56 12.57
CA THR A 207 -3.50 -6.28 12.83
C THR A 207 -3.82 -7.71 13.26
N PHE A 208 -2.77 -8.50 13.51
CA PHE A 208 -2.90 -9.91 13.86
C PHE A 208 -1.94 -10.37 14.95
N GLY A 209 -2.21 -11.55 15.51
CA GLY A 209 -1.39 -12.09 16.57
C GLY A 209 -1.92 -11.77 17.95
N PRO A 224 -6.88 -11.69 15.43
CA PRO A 224 -7.21 -12.41 14.19
C PRO A 224 -8.69 -12.78 14.15
N ASP A 225 -9.18 -13.37 15.23
CA ASP A 225 -10.60 -13.62 15.39
C ASP A 225 -11.30 -12.27 15.61
N ILE A 226 -10.50 -11.26 15.97
CA ILE A 226 -11.01 -9.90 16.11
C ILE A 226 -11.64 -9.44 14.81
N LEU A 227 -11.00 -9.78 13.69
CA LEU A 227 -11.56 -9.51 12.38
C LEU A 227 -12.88 -10.27 12.19
N ALA A 228 -12.88 -11.54 12.60
CA ALA A 228 -14.08 -12.37 12.48
C ALA A 228 -15.24 -11.74 13.25
N GLN A 229 -14.96 -11.34 14.48
CA GLN A 229 -15.95 -10.67 15.32
C GLN A 229 -16.41 -9.36 14.69
N GLY A 230 -15.48 -8.62 14.10
CA GLY A 230 -15.81 -7.40 13.41
C GLY A 230 -16.81 -7.62 12.29
N GLN A 231 -16.57 -8.66 11.50
CA GLN A 231 -17.51 -8.98 10.41
C GLN A 231 -18.88 -9.38 10.95
N GLN A 232 -18.91 -10.20 11.99
CA GLN A 232 -20.18 -10.68 12.55
C GLN A 232 -20.98 -9.51 13.11
N VAL A 233 -20.30 -8.66 13.86
CA VAL A 233 -20.89 -7.44 14.40
C VAL A 233 -21.48 -6.58 13.29
N ALA A 234 -20.74 -6.38 12.22
CA ALA A 234 -21.22 -5.54 11.11
C ALA A 234 -22.36 -6.23 10.38
N ALA A 235 -22.25 -7.53 10.22
CA ALA A 235 -23.29 -8.32 9.56
C ALA A 235 -24.59 -8.20 10.35
N ALA A 236 -24.51 -8.32 11.68
CA ALA A 236 -25.69 -8.21 12.52
C ALA A 236 -26.32 -6.82 12.35
N LYS A 237 -25.49 -5.79 12.48
CA LYS A 237 -25.96 -4.41 12.31
C LYS A 237 -26.69 -4.23 10.97
N LEU A 238 -26.17 -4.84 9.92
CA LEU A 238 -26.75 -4.65 8.59
C LEU A 238 -27.88 -5.62 8.26
N GLY A 239 -28.24 -6.45 9.23
CA GLY A 239 -29.30 -7.43 9.01
C GLY A 239 -28.89 -8.43 7.94
N LEU A 240 -27.63 -8.84 8.00
CA LEU A 240 -27.05 -9.74 7.02
C LEU A 240 -26.83 -11.11 7.65
N PRO A 241 -26.69 -12.16 6.82
CA PRO A 241 -26.38 -13.49 7.33
C PRO A 241 -25.10 -13.47 8.17
N ALA A 242 -25.03 -14.35 9.15
CA ALA A 242 -23.96 -14.32 10.14
C ALA A 242 -22.56 -14.55 9.55
N ASP A 243 -22.51 -15.02 8.31
CA ASP A 243 -21.24 -15.31 7.66
C ASP A 243 -20.86 -14.24 6.62
N ALA A 244 -21.56 -13.12 6.62
CA ALA A 244 -21.27 -12.05 5.68
C ALA A 244 -20.00 -11.32 6.10
N LYS A 245 -19.33 -10.69 5.14
CA LYS A 245 -18.11 -9.96 5.43
C LYS A 245 -18.20 -8.56 4.87
N PRO A 246 -18.92 -7.68 5.59
CA PRO A 246 -19.16 -6.31 5.11
C PRO A 246 -17.86 -5.49 4.98
N PHE A 247 -16.89 -5.73 5.86
CA PHE A 247 -15.66 -4.95 5.87
C PHE A 247 -14.61 -5.49 4.90
N ASP A 248 -13.93 -4.58 4.20
CA ASP A 248 -12.69 -4.89 3.50
C ASP A 248 -11.53 -4.50 4.43
N PHE A 249 -10.79 -5.50 4.91
CA PHE A 249 -9.75 -5.27 5.90
C PHE A 249 -8.38 -5.04 5.29
N VAL A 250 -7.55 -4.28 6.01
CA VAL A 250 -6.17 -4.04 5.60
C VAL A 250 -5.26 -4.56 6.70
N PHE A 251 -4.38 -5.49 6.33
CA PHE A 251 -3.47 -6.15 7.26
C PHE A 251 -2.22 -5.27 7.42
N HIS A 252 -2.10 -4.62 8.58
CA HIS A 252 -0.92 -3.84 8.94
C HIS A 252 0.00 -4.63 9.90
N GLY A 253 1.29 -4.34 9.86
CA GLY A 253 2.24 -4.93 10.79
C GLY A 253 2.46 -6.42 10.61
N GLY A 254 2.42 -6.88 9.37
CA GLY A 254 2.47 -8.31 9.12
C GLY A 254 3.82 -8.84 8.64
N SER A 255 4.88 -8.04 8.84
CA SER A 255 6.22 -8.42 8.39
C SER A 255 6.60 -9.82 8.82
N GLY A 256 7.13 -10.59 7.87
CA GLY A 256 7.55 -11.95 8.12
C GLY A 256 6.52 -12.84 8.77
N SER A 257 5.25 -12.42 8.77
CA SER A 257 4.23 -13.10 9.54
C SER A 257 4.01 -14.57 9.18
N LEU A 258 3.45 -15.31 10.14
CA LEU A 258 3.14 -16.72 9.96
C LEU A 258 2.29 -16.93 8.71
N LYS A 259 2.86 -17.57 7.69
CA LYS A 259 2.12 -17.90 6.48
C LYS A 259 1.01 -18.91 6.82
N SER A 260 0.21 -18.54 7.80
CA SER A 260 -0.86 -19.34 8.36
C SER A 260 -1.76 -18.35 9.07
N GLU A 261 -1.13 -17.31 9.61
CA GLU A 261 -1.84 -16.13 10.06
C GLU A 261 -2.34 -15.43 8.81
N ILE A 262 -1.53 -15.47 7.76
CA ILE A 262 -1.88 -14.83 6.50
C ILE A 262 -3.12 -15.53 5.96
N GLU A 263 -3.10 -16.86 5.97
CA GLU A 263 -4.24 -17.67 5.57
C GLU A 263 -5.49 -17.28 6.33
N GLU A 264 -5.37 -17.20 7.66
CA GLU A 264 -6.52 -16.84 8.49
C GLU A 264 -6.98 -15.41 8.23
N ALA A 265 -6.02 -14.53 8.00
CA ALA A 265 -6.32 -13.13 7.72
C ALA A 265 -7.18 -13.06 6.48
N LEU A 266 -6.80 -13.84 5.47
CA LEU A 266 -7.53 -13.86 4.21
C LEU A 266 -8.97 -14.31 4.42
N ARG A 267 -9.15 -15.27 5.32
CA ARG A 267 -10.47 -15.83 5.58
C ARG A 267 -11.42 -14.77 6.14
N TYR A 268 -10.88 -13.79 6.85
CA TYR A 268 -11.74 -12.79 7.49
C TYR A 268 -11.95 -11.48 6.71
N GLY A 269 -11.51 -11.45 5.45
CA GLY A 269 -11.79 -10.32 4.59
C GLY A 269 -10.67 -9.33 4.37
N VAL A 270 -9.44 -9.72 4.69
CA VAL A 270 -8.28 -8.88 4.35
C VAL A 270 -8.13 -8.86 2.84
N VAL A 271 -8.14 -7.67 2.25
CA VAL A 271 -7.96 -7.55 0.80
C VAL A 271 -6.65 -6.83 0.45
N LYS A 272 -5.94 -6.34 1.46
CA LYS A 272 -4.73 -5.55 1.24
C LYS A 272 -3.79 -5.84 2.39
N MET A 273 -2.55 -6.24 2.09
CA MET A 273 -1.56 -6.44 3.13
C MET A 273 -0.37 -5.53 2.91
N ASN A 274 -0.07 -4.71 3.90
CA ASN A 274 1.00 -3.73 3.77
C ASN A 274 2.36 -4.37 3.97
N VAL A 275 3.30 -4.05 3.10
CA VAL A 275 4.63 -4.64 3.12
C VAL A 275 5.67 -3.53 3.00
N ASP A 276 6.63 -3.49 3.92
CA ASP A 276 7.73 -2.52 3.80
C ASP A 276 9.04 -3.16 4.25
N THR A 277 9.09 -3.54 5.53
CA THR A 277 10.28 -4.16 6.11
CA THR A 277 10.32 -4.12 6.08
C THR A 277 10.87 -5.26 5.24
N ASP A 278 10.01 -6.17 4.81
CA ASP A 278 10.48 -7.30 4.01
C ASP A 278 11.09 -6.88 2.69
N THR A 279 10.50 -5.91 2.02
CA THR A 279 11.01 -5.46 0.73
C THR A 279 12.22 -4.55 0.91
N GLN A 280 12.29 -3.81 2.03
CA GLN A 280 13.50 -3.05 2.35
C GLN A 280 14.71 -3.96 2.48
N TYR A 281 14.56 -5.05 3.22
CA TYR A 281 15.70 -5.94 3.41
C TYR A 281 16.11 -6.55 2.07
N ALA A 282 15.12 -6.99 1.29
CA ALA A 282 15.38 -7.56 -0.03
C ALA A 282 16.10 -6.58 -0.95
N PHE A 283 15.74 -5.31 -0.87
CA PHE A 283 16.33 -4.28 -1.74
C PHE A 283 17.78 -4.00 -1.34
N THR A 284 17.99 -3.85 -0.04
CA THR A 284 19.31 -3.48 0.48
C THR A 284 20.32 -4.63 0.43
N ARG A 285 19.84 -5.86 0.61
CA ARG A 285 20.73 -7.01 0.77
C ARG A 285 21.80 -7.17 -0.31
N PRO A 286 21.41 -7.10 -1.59
CA PRO A 286 22.47 -7.23 -2.61
C PRO A 286 23.36 -6.00 -2.71
N ILE A 287 22.88 -4.86 -2.24
CA ILE A 287 23.70 -3.67 -2.28
C ILE A 287 24.84 -3.87 -1.28
N ALA A 288 24.48 -4.33 -0.09
CA ALA A 288 25.46 -4.67 0.91
C ALA A 288 26.51 -5.63 0.32
N GLY A 289 26.04 -6.71 -0.29
CA GLY A 289 26.93 -7.71 -0.84
C GLY A 289 27.84 -7.14 -1.93
N HIS A 290 27.28 -6.25 -2.74
CA HIS A 290 28.03 -5.60 -3.81
C HIS A 290 29.17 -4.76 -3.27
N MET A 291 28.88 -3.99 -2.22
CA MET A 291 29.91 -3.14 -1.62
C MET A 291 31.04 -3.99 -1.04
N PHE A 292 30.70 -5.07 -0.34
CA PHE A 292 31.74 -5.91 0.28
C PHE A 292 32.62 -6.58 -0.77
N THR A 293 32.00 -7.25 -1.73
N THR A 293 31.96 -7.22 -1.72
CA THR A 293 32.79 -7.99 -2.71
CA THR A 293 32.60 -7.97 -2.78
C THR A 293 33.55 -7.04 -3.61
C THR A 293 33.46 -7.08 -3.65
N ASN A 294 33.04 -5.83 -3.81
CA ASN A 294 33.74 -4.85 -4.65
C ASN A 294 34.38 -3.73 -3.83
N TYR A 295 34.76 -4.03 -2.59
CA TYR A 295 35.27 -3.01 -1.66
C TYR A 295 36.37 -2.14 -2.26
N ASP A 296 37.23 -2.71 -3.10
CA ASP A 296 38.34 -1.94 -3.63
C ASP A 296 38.02 -1.38 -5.01
N GLY A 297 36.76 -1.50 -5.42
CA GLY A 297 36.25 -0.84 -6.61
C GLY A 297 35.35 0.31 -6.21
N VAL A 298 34.52 0.10 -5.20
CA VAL A 298 33.67 1.19 -4.71
C VAL A 298 34.41 2.19 -3.82
N LEU A 299 35.61 1.82 -3.38
CA LEU A 299 36.46 2.73 -2.62
C LEU A 299 37.77 2.94 -3.36
N LYS A 300 38.28 4.16 -3.35
CA LYS A 300 39.64 4.43 -3.80
C LYS A 300 40.60 4.02 -2.70
N VAL A 301 41.28 2.88 -2.88
N VAL A 301 41.28 2.90 -2.90
CA VAL A 301 42.12 2.33 -1.84
CA VAL A 301 42.10 2.31 -1.85
C VAL A 301 43.58 2.33 -2.22
C VAL A 301 43.59 2.37 -2.23
N ASP A 302 44.43 2.65 -1.24
CA ASP A 302 45.89 2.60 -1.43
C ASP A 302 46.40 3.42 -2.60
N GLY A 303 45.82 4.59 -2.80
CA GLY A 303 46.18 5.45 -3.92
C GLY A 303 45.60 5.04 -5.27
N GLU A 304 44.79 3.97 -5.30
CA GLU A 304 44.11 3.60 -6.56
C GLU A 304 42.87 4.47 -6.80
N VAL A 305 42.25 4.34 -7.97
N VAL A 305 42.25 4.27 -7.96
CA VAL A 305 41.18 5.27 -8.34
CA VAL A 305 41.23 5.18 -8.46
C VAL A 305 39.80 4.61 -8.35
C VAL A 305 39.81 4.63 -8.32
N GLY A 306 39.70 3.40 -7.82
CA GLY A 306 38.42 2.72 -7.78
C GLY A 306 38.10 2.14 -9.13
N VAL A 307 36.92 1.55 -9.28
CA VAL A 307 36.53 0.92 -10.54
C VAL A 307 35.16 1.43 -10.94
N LYS A 308 35.09 2.25 -11.97
CA LYS A 308 33.86 2.95 -12.35
C LYS A 308 32.68 2.00 -12.54
N LYS A 309 32.94 0.86 -13.15
CA LYS A 309 31.91 -0.12 -13.44
C LYS A 309 31.19 -0.62 -12.21
N VAL A 310 31.85 -0.60 -11.05
CA VAL A 310 31.17 -1.06 -9.84
C VAL A 310 30.73 0.07 -8.92
N TYR A 311 31.28 1.27 -9.06
CA TYR A 311 30.69 2.39 -8.31
C TYR A 311 29.60 3.14 -9.07
N ASP A 312 29.41 2.75 -10.34
CA ASP A 312 28.22 3.17 -11.10
C ASP A 312 26.98 2.70 -10.33
N PRO A 313 26.12 3.65 -9.92
CA PRO A 313 24.99 3.28 -9.06
C PRO A 313 24.09 2.23 -9.70
N ARG A 314 24.03 2.20 -11.02
CA ARG A 314 23.19 1.24 -11.74
C ARG A 314 23.66 -0.18 -11.45
N SER A 315 24.97 -0.37 -11.24
CA SER A 315 25.47 -1.74 -11.05
C SER A 315 24.84 -2.45 -9.84
N TYR A 316 24.84 -1.80 -8.69
CA TYR A 316 24.24 -2.44 -7.53
C TYR A 316 22.72 -2.22 -7.43
N LEU A 317 22.24 -1.08 -7.93
CA LEU A 317 20.81 -0.82 -7.88
C LEU A 317 19.95 -1.73 -8.78
N LYS A 318 20.51 -2.21 -9.90
CA LYS A 318 19.81 -3.24 -10.66
C LYS A 318 19.62 -4.52 -9.83
N LYS A 319 20.66 -4.89 -9.08
CA LYS A 319 20.58 -6.07 -8.22
C LYS A 319 19.56 -5.86 -7.12
N ALA A 320 19.57 -4.67 -6.52
CA ALA A 320 18.60 -4.32 -5.49
C ALA A 320 17.18 -4.46 -6.05
N GLU A 321 16.96 -3.89 -7.25
N GLU A 321 16.95 -3.89 -7.23
CA GLU A 321 15.64 -3.93 -7.89
CA GLU A 321 15.64 -3.94 -7.87
C GLU A 321 15.17 -5.37 -8.09
C GLU A 321 15.17 -5.37 -8.09
N ALA A 322 16.02 -6.19 -8.69
CA ALA A 322 15.65 -7.57 -9.00
C ALA A 322 15.34 -8.36 -7.74
N SER A 323 16.09 -8.09 -6.69
CA SER A 323 15.89 -8.79 -5.43
C SER A 323 14.59 -8.35 -4.77
N MET A 324 14.31 -7.05 -4.78
CA MET A 324 13.01 -6.60 -4.25
C MET A 324 11.83 -7.17 -5.06
N SER A 325 12.00 -7.28 -6.37
CA SER A 325 10.93 -7.79 -7.21
C SER A 325 10.62 -9.24 -6.83
N GLN A 326 11.67 -10.01 -6.57
CA GLN A 326 11.53 -11.40 -6.15
C GLN A 326 10.73 -11.51 -4.85
N ARG A 327 11.04 -10.65 -3.89
CA ARG A 327 10.30 -10.65 -2.63
C ARG A 327 8.84 -10.26 -2.86
N VAL A 328 8.60 -9.38 -3.83
CA VAL A 328 7.23 -8.99 -4.16
C VAL A 328 6.46 -10.14 -4.81
N VAL A 329 7.13 -10.89 -5.68
CA VAL A 329 6.55 -12.10 -6.24
C VAL A 329 6.14 -13.06 -5.11
N GLN A 330 7.02 -13.25 -4.14
CA GLN A 330 6.68 -14.10 -3.00
C GLN A 330 5.41 -13.61 -2.30
N ALA A 331 5.32 -12.30 -2.10
CA ALA A 331 4.17 -11.71 -1.43
C ALA A 331 2.87 -12.01 -2.20
N CYS A 332 2.92 -11.90 -3.52
CA CYS A 332 1.75 -12.17 -4.36
C CYS A 332 1.30 -13.64 -4.25
N ASN A 333 2.26 -14.54 -4.12
N ASN A 333 2.26 -14.55 -4.16
CA ASN A 333 1.98 -15.96 -3.95
CA ASN A 333 1.97 -15.97 -3.94
C ASN A 333 1.41 -16.26 -2.56
C ASN A 333 1.40 -16.26 -2.56
N ASP A 334 2.00 -15.66 -1.53
CA ASP A 334 1.53 -15.83 -0.17
C ASP A 334 0.11 -15.30 -0.01
N LEU A 335 -0.20 -14.23 -0.72
CA LEU A 335 -1.51 -13.59 -0.60
C LEU A 335 -2.52 -14.12 -1.63
N HIS A 336 -2.05 -15.03 -2.49
CA HIS A 336 -2.89 -15.68 -3.50
C HIS A 336 -3.45 -14.78 -4.58
N CYS A 337 -2.82 -13.64 -4.85
CA CYS A 337 -3.26 -12.80 -5.96
C CYS A 337 -2.41 -13.09 -7.20
N ALA A 338 -1.36 -13.88 -7.01
CA ALA A 338 -0.52 -14.23 -8.14
C ALA A 338 -1.36 -14.97 -9.16
N GLY A 339 -1.17 -14.64 -10.43
CA GLY A 339 -1.88 -15.30 -11.50
C GLY A 339 -3.31 -14.80 -11.70
N LYS A 340 -3.72 -13.77 -10.95
CA LYS A 340 -5.13 -13.33 -11.00
C LYS A 340 -5.33 -11.89 -11.46
N SER A 341 -4.33 -11.31 -12.11
CA SER A 341 -4.48 -9.95 -12.62
C SER A 341 -5.74 -9.83 -13.45
N LEU A 342 -6.49 -8.75 -13.24
CA LEU A 342 -7.74 -8.55 -13.98
C LEU A 342 -7.58 -8.30 -15.49
N THR A 343 -6.33 -8.23 -15.97
CA THR A 343 -6.09 -8.10 -17.40
C THR A 343 -6.04 -9.46 -18.05
N HIS A 344 -5.95 -10.51 -17.23
CA HIS A 344 -6.00 -11.88 -17.73
C HIS A 344 -4.99 -12.16 -18.83
N HIS A 345 -3.89 -11.42 -18.78
CA HIS A 345 -2.72 -11.74 -19.60
CA HIS A 345 -2.72 -11.73 -19.60
C HIS A 345 -2.10 -12.99 -19.02
N HIS A 346 -2.28 -14.12 -19.69
CA HIS A 346 -1.75 -15.36 -19.15
C HIS A 346 -0.63 -15.90 -20.04
#